data_4KQP
#
_entry.id   4KQP
#
_cell.length_a   42.990
_cell.length_b   51.690
_cell.length_c   44.230
_cell.angle_alpha   90.00
_cell.angle_beta   91.10
_cell.angle_gamma   90.00
#
_symmetry.space_group_name_H-M   'P 1 21 1'
#
loop_
_entity.id
_entity.type
_entity.pdbx_description
1 polymer 'Glutamine ABC transporter permease and substrate binding protein protein'
2 non-polymer GLUTAMINE
3 water water
#
_entity_poly.entity_id   1
_entity_poly.type   'polypeptide(L)'
_entity_poly.pdbx_seq_one_letter_code
;GMATPKKDVYTIASDNSFAPFEFQNDDKQFTGIDVDLLNAIAKNQGFKLKWNFIGFQAAVDSVQSGHADGMMSGMSITDA
RKQVFDYGSPYYSSNLTIATSSTDDSIKSWKDLKGKTLGAKNGTASFDYLNAHAKEYGYTVKTFTDATTMYSSLNNGSIN
ALMDDEPVIKYAIKQGQKFATPIKPIPDGQYGFAVKKGSNPELIEMFNNGLANLRANGEYDKIIDKYLESDA
;
_entity_poly.pdbx_strand_id   A
#
# COMPACT_ATOMS: atom_id res chain seq x y z
N ALA A 3 0.55 8.56 -27.13
CA ALA A 3 1.71 8.21 -26.31
C ALA A 3 2.61 7.22 -27.02
N THR A 4 3.88 7.59 -27.18
CA THR A 4 4.83 6.79 -27.94
C THR A 4 5.90 6.19 -27.02
N PRO A 5 6.00 4.86 -26.99
CA PRO A 5 7.07 4.25 -26.18
C PRO A 5 8.44 4.59 -26.72
N LYS A 6 9.40 4.71 -25.80
CA LYS A 6 10.77 5.04 -26.12
C LYS A 6 11.73 3.95 -25.66
N LYS A 7 11.21 2.94 -24.97
CA LYS A 7 12.00 1.78 -24.59
C LYS A 7 11.22 0.54 -24.99
N ASP A 8 11.97 -0.53 -25.27
CA ASP A 8 11.37 -1.79 -25.67
C ASP A 8 10.61 -2.43 -24.51
N VAL A 9 11.06 -2.16 -23.30
CA VAL A 9 10.37 -2.61 -22.11
C VAL A 9 10.70 -1.62 -21.03
N TYR A 10 9.72 -1.41 -20.16
CA TYR A 10 9.92 -0.57 -19.00
C TYR A 10 9.84 -1.42 -17.73
N THR A 11 10.73 -1.14 -16.78
CA THR A 11 10.76 -1.87 -15.54
CA THR A 11 10.79 -1.84 -15.51
C THR A 11 9.93 -1.15 -14.47
N ILE A 12 9.03 -1.89 -13.84
CA ILE A 12 8.14 -1.34 -12.83
C ILE A 12 8.43 -2.03 -11.50
N ALA A 13 8.82 -1.24 -10.50
CA ALA A 13 9.04 -1.75 -9.16
C ALA A 13 7.75 -1.67 -8.33
N SER A 14 7.61 -2.60 -7.40
CA SER A 14 6.41 -2.67 -6.60
C SER A 14 6.69 -3.34 -5.26
N ASP A 15 5.71 -3.27 -4.37
CA ASP A 15 5.78 -3.91 -3.07
C ASP A 15 5.76 -5.42 -3.26
N ASN A 16 6.26 -6.15 -2.28
CA ASN A 16 6.15 -7.60 -2.33
C ASN A 16 4.96 -8.16 -1.58
N SER A 17 4.30 -7.37 -0.73
CA SER A 17 3.07 -7.84 -0.09
C SER A 17 2.20 -6.65 0.27
N PHE A 18 1.16 -6.41 -0.53
CA PHE A 18 0.25 -5.29 -0.33
C PHE A 18 -1.11 -5.64 -0.92
N ALA A 19 -1.66 -6.78 -0.51
CA ALA A 19 -2.95 -7.23 -1.04
C ALA A 19 -4.03 -6.23 -0.62
N PRO A 20 -4.95 -5.87 -1.53
CA PRO A 20 -5.24 -6.49 -2.83
C PRO A 20 -4.51 -5.86 -4.03
N PHE A 21 -3.58 -4.95 -3.79
CA PHE A 21 -2.93 -4.19 -4.87
C PHE A 21 -1.82 -4.97 -5.57
N GLU A 22 -0.91 -5.57 -4.79
CA GLU A 22 0.05 -6.53 -5.33
C GLU A 22 0.33 -7.54 -4.25
N PHE A 23 0.34 -8.82 -4.61
CA PHE A 23 0.61 -9.87 -3.65
C PHE A 23 0.83 -11.17 -4.38
N GLN A 24 1.55 -12.08 -3.74
CA GLN A 24 1.67 -13.45 -4.20
CA GLN A 24 1.63 -13.46 -4.21
C GLN A 24 0.47 -14.22 -3.64
N ASN A 25 -0.34 -14.80 -4.53
CA ASN A 25 -1.47 -15.58 -4.08
C ASN A 25 -1.01 -16.91 -3.49
N ASP A 26 -1.94 -17.70 -2.99
CA ASP A 26 -1.58 -18.94 -2.31
C ASP A 26 -0.90 -19.92 -3.27
N ASP A 27 -1.19 -19.82 -4.58
CA ASP A 27 -0.55 -20.66 -5.59
C ASP A 27 0.76 -20.04 -6.12
N LYS A 28 1.27 -19.03 -5.41
CA LYS A 28 2.61 -18.48 -5.67
CA LYS A 28 2.60 -18.45 -5.65
C LYS A 28 2.70 -17.62 -6.92
N GLN A 29 1.57 -17.04 -7.34
CA GLN A 29 1.58 -16.14 -8.49
CA GLN A 29 1.51 -16.15 -8.51
C GLN A 29 1.37 -14.70 -8.06
N PHE A 30 2.20 -13.80 -8.56
CA PHE A 30 2.00 -12.38 -8.25
C PHE A 30 0.80 -11.88 -9.04
N THR A 31 -0.06 -11.16 -8.33
CA THR A 31 -1.32 -10.73 -8.84
C THR A 31 -1.74 -9.46 -8.08
N GLY A 32 -2.92 -8.95 -8.38
CA GLY A 32 -3.47 -7.80 -7.67
C GLY A 32 -4.00 -6.72 -8.60
N ILE A 33 -4.72 -5.78 -7.99
CA ILE A 33 -5.28 -4.64 -8.69
C ILE A 33 -4.23 -3.85 -9.47
N ASP A 34 -3.12 -3.53 -8.80
CA ASP A 34 -2.08 -2.73 -9.45
C ASP A 34 -1.50 -3.45 -10.67
N VAL A 35 -1.28 -4.76 -10.52
CA VAL A 35 -0.70 -5.57 -11.57
C VAL A 35 -1.65 -5.62 -12.76
N ASP A 36 -2.90 -5.99 -12.51
CA ASP A 36 -3.87 -6.09 -13.58
C ASP A 36 -4.15 -4.73 -14.23
N LEU A 37 -4.28 -3.68 -13.42
CA LEU A 37 -4.61 -2.36 -13.94
C LEU A 37 -3.46 -1.80 -14.79
N LEU A 38 -2.24 -1.80 -14.25
CA LEU A 38 -1.15 -1.25 -15.04
C LEU A 38 -0.87 -2.12 -16.28
N ASN A 39 -0.96 -3.44 -16.16
CA ASN A 39 -0.78 -4.27 -17.35
C ASN A 39 -1.84 -3.92 -18.41
N ALA A 40 -3.08 -3.69 -17.99
CA ALA A 40 -4.15 -3.40 -18.94
C ALA A 40 -3.97 -2.03 -19.57
N ILE A 41 -3.49 -1.06 -18.79
CA ILE A 41 -3.20 0.27 -19.28
C ILE A 41 -2.08 0.20 -20.34
N ALA A 42 -1.02 -0.53 -20.02
CA ALA A 42 0.09 -0.68 -20.95
C ALA A 42 -0.38 -1.33 -22.24
N LYS A 43 -1.21 -2.37 -22.14
CA LYS A 43 -1.72 -3.03 -23.34
C LYS A 43 -2.57 -2.07 -24.17
N ASN A 44 -3.42 -1.28 -23.52
CA ASN A 44 -4.23 -0.30 -24.20
C ASN A 44 -3.39 0.71 -24.99
N GLN A 45 -2.21 1.02 -24.45
CA GLN A 45 -1.35 2.06 -25.00
C GLN A 45 -0.18 1.54 -25.85
N GLY A 46 -0.01 0.23 -25.97
CA GLY A 46 1.09 -0.34 -26.73
C GLY A 46 2.46 -0.30 -26.07
N PHE A 47 2.49 -0.29 -24.74
CA PHE A 47 3.72 -0.32 -23.97
C PHE A 47 3.92 -1.73 -23.40
N LYS A 48 5.17 -2.09 -23.15
CA LYS A 48 5.55 -3.37 -22.57
C LYS A 48 6.23 -3.15 -21.22
N LEU A 49 5.86 -3.96 -20.22
CA LEU A 49 6.37 -3.84 -18.85
C LEU A 49 7.02 -5.13 -18.35
N LYS A 50 7.95 -4.97 -17.40
CA LYS A 50 8.41 -6.09 -16.58
C LYS A 50 8.39 -5.63 -15.11
N TRP A 51 8.02 -6.52 -14.21
CA TRP A 51 7.78 -6.17 -12.81
C TRP A 51 8.87 -6.71 -11.89
N ASN A 52 9.21 -5.94 -10.87
CA ASN A 52 10.08 -6.39 -9.78
C ASN A 52 9.36 -6.13 -8.45
N PHE A 53 8.93 -7.20 -7.79
CA PHE A 53 8.20 -7.12 -6.53
C PHE A 53 9.20 -7.19 -5.39
N ILE A 54 9.65 -6.02 -4.94
CA ILE A 54 10.81 -5.90 -4.07
C ILE A 54 10.56 -5.23 -2.73
N GLY A 55 9.40 -4.57 -2.56
CA GLY A 55 9.08 -3.84 -1.33
C GLY A 55 8.86 -2.37 -1.62
N PHE A 56 8.14 -1.69 -0.74
CA PHE A 56 7.78 -0.30 -1.00
C PHE A 56 9.01 0.63 -1.01
N GLN A 57 9.76 0.66 0.09
CA GLN A 57 10.95 1.50 0.11
C GLN A 57 11.96 1.05 -0.95
N ALA A 58 12.06 -0.25 -1.17
CA ALA A 58 12.97 -0.75 -2.19
C ALA A 58 12.57 -0.21 -3.57
N ALA A 59 11.27 -0.13 -3.85
CA ALA A 59 10.77 0.43 -5.10
C ALA A 59 11.09 1.93 -5.20
N VAL A 60 10.86 2.68 -4.13
CA VAL A 60 11.23 4.09 -4.09
C VAL A 60 12.71 4.24 -4.44
N ASP A 61 13.56 3.43 -3.79
CA ASP A 61 15.01 3.51 -4.00
C ASP A 61 15.38 3.19 -5.44
N SER A 62 14.74 2.17 -6.02
CA SER A 62 15.05 1.76 -7.38
C SER A 62 14.67 2.85 -8.38
N VAL A 63 13.48 3.43 -8.21
CA VAL A 63 13.07 4.52 -9.10
C VAL A 63 14.02 5.73 -8.91
N GLN A 64 14.33 6.09 -7.68
CA GLN A 64 15.18 7.25 -7.44
C GLN A 64 16.64 7.05 -7.90
N SER A 65 17.09 5.80 -7.99
CA SER A 65 18.44 5.54 -8.49
C SER A 65 18.49 5.35 -10.01
N GLY A 66 17.37 5.52 -10.69
CA GLY A 66 17.38 5.41 -12.14
C GLY A 66 17.44 3.99 -12.64
N HIS A 67 16.96 3.06 -11.82
CA HIS A 67 16.87 1.65 -12.18
C HIS A 67 15.45 1.38 -12.69
N ALA A 68 14.50 1.11 -11.79
CA ALA A 68 13.13 0.99 -12.25
C ALA A 68 12.69 2.27 -12.94
N ASP A 69 11.93 2.11 -14.02
CA ASP A 69 11.37 3.23 -14.75
C ASP A 69 10.18 3.89 -14.08
N GLY A 70 9.46 3.12 -13.28
CA GLY A 70 8.34 3.64 -12.53
C GLY A 70 7.99 2.69 -11.41
N MET A 71 7.06 3.10 -10.56
CA MET A 71 6.55 2.23 -9.51
C MET A 71 5.03 2.32 -9.44
N MET A 72 4.42 1.15 -9.25
CA MET A 72 2.99 0.99 -9.10
C MET A 72 2.88 0.09 -7.87
N SER A 73 2.53 0.67 -6.74
CA SER A 73 2.76 0.03 -5.46
C SER A 73 1.83 0.56 -4.38
N GLY A 74 0.58 0.80 -4.73
CA GLY A 74 -0.37 1.40 -3.81
C GLY A 74 0.19 2.68 -3.20
N MET A 75 0.79 3.51 -4.04
CA MET A 75 1.58 4.64 -3.60
C MET A 75 0.74 5.90 -3.43
N SER A 76 0.70 6.41 -2.21
CA SER A 76 -0.02 7.65 -1.95
C SER A 76 0.64 8.83 -2.65
N ILE A 77 -0.22 9.71 -3.17
CA ILE A 77 0.20 10.97 -3.78
C ILE A 77 0.30 12.01 -2.67
N THR A 78 1.48 12.58 -2.49
CA THR A 78 1.66 13.65 -1.52
C THR A 78 2.49 14.77 -2.13
N ASP A 79 2.31 15.97 -1.60
CA ASP A 79 3.09 17.12 -2.09
C ASP A 79 4.58 16.92 -1.88
N ALA A 80 4.96 16.35 -0.75
CA ALA A 80 6.38 16.12 -0.48
C ALA A 80 6.99 15.17 -1.52
N ARG A 81 6.27 14.11 -1.85
CA ARG A 81 6.78 13.15 -2.82
C ARG A 81 6.87 13.77 -4.22
N LYS A 82 6.00 14.75 -4.50
CA LYS A 82 6.05 15.44 -5.79
C LYS A 82 7.34 16.22 -5.99
N GLN A 83 8.13 16.43 -4.94
CA GLN A 83 9.43 17.07 -5.08
CA GLN A 83 9.43 17.07 -5.09
C GLN A 83 10.42 16.18 -5.84
N VAL A 84 10.23 14.85 -5.77
CA VAL A 84 11.17 13.91 -6.37
C VAL A 84 10.53 12.89 -7.31
N PHE A 85 9.19 12.86 -7.38
CA PHE A 85 8.44 12.00 -8.29
C PHE A 85 7.48 12.84 -9.13
N ASP A 86 7.20 12.40 -10.36
CA ASP A 86 6.03 12.81 -11.12
C ASP A 86 4.99 11.70 -11.05
N TYR A 87 3.74 12.07 -10.78
CA TYR A 87 2.66 11.12 -10.69
C TYR A 87 1.72 11.18 -11.89
N GLY A 88 1.11 10.05 -12.19
CA GLY A 88 -0.03 10.01 -13.09
C GLY A 88 -1.33 10.35 -12.38
N SER A 89 -2.42 10.26 -13.13
CA SER A 89 -3.76 10.50 -12.60
C SER A 89 -4.05 9.58 -11.43
N PRO A 90 -4.82 10.06 -10.45
CA PRO A 90 -5.13 9.19 -9.31
CA PRO A 90 -5.17 9.20 -9.31
C PRO A 90 -5.98 7.99 -9.74
N TYR A 91 -5.68 6.82 -9.18
CA TYR A 91 -6.37 5.60 -9.58
C TYR A 91 -7.03 4.85 -8.43
N TYR A 92 -6.85 5.31 -7.20
CA TYR A 92 -7.52 4.71 -6.06
C TYR A 92 -7.49 5.73 -4.92
N SER A 93 -8.18 5.44 -3.82
CA SER A 93 -8.18 6.31 -2.64
C SER A 93 -7.85 5.48 -1.41
N SER A 94 -7.20 6.11 -0.42
CA SER A 94 -6.94 5.41 0.83
C SER A 94 -6.90 6.36 2.03
N ASN A 95 -7.23 5.76 3.15
CA ASN A 95 -7.05 6.32 4.47
C ASN A 95 -6.09 5.43 5.26
N LEU A 96 -5.53 5.95 6.34
CA LEU A 96 -4.66 5.18 7.24
C LEU A 96 -5.48 4.64 8.42
N THR A 97 -5.21 3.43 8.87
CA THR A 97 -5.91 2.92 10.03
C THR A 97 -4.99 2.05 10.88
N ILE A 98 -5.45 1.81 12.11
CA ILE A 98 -4.76 0.91 13.04
C ILE A 98 -5.40 -0.48 13.01
N ALA A 99 -4.56 -1.50 13.01
CA ALA A 99 -5.00 -2.87 13.29
C ALA A 99 -4.40 -3.33 14.62
N THR A 100 -5.24 -3.98 15.42
CA THR A 100 -4.83 -4.68 16.62
C THR A 100 -5.22 -6.15 16.48
N SER A 101 -4.76 -6.99 17.41
CA SER A 101 -5.28 -8.35 17.46
C SER A 101 -6.69 -8.33 18.04
N SER A 102 -7.60 -9.10 17.44
N SER A 102 -7.56 -9.16 17.46
CA SER A 102 -8.98 -9.12 17.95
CA SER A 102 -8.93 -9.30 17.97
C SER A 102 -9.15 -9.97 19.21
C SER A 102 -9.04 -10.36 19.08
N THR A 103 -8.05 -10.47 19.76
N THR A 103 -7.91 -10.72 19.68
CA THR A 103 -8.08 -11.09 21.08
CA THR A 103 -7.90 -11.76 20.72
C THR A 103 -7.90 -10.04 22.19
C THR A 103 -8.13 -11.20 22.12
N ASP A 104 -7.64 -8.79 21.80
N ASP A 104 -8.06 -9.88 22.27
CA ASP A 104 -7.26 -7.73 22.73
CA ASP A 104 -8.32 -9.22 23.55
C ASP A 104 -8.26 -6.57 22.74
C ASP A 104 -9.29 -8.04 23.36
N ASP A 105 -8.95 -6.37 23.87
N ASP A 105 -9.19 -7.06 24.26
CA ASP A 105 -9.92 -5.28 24.00
CA ASP A 105 -9.95 -5.82 24.18
C ASP A 105 -9.30 -4.03 24.62
C ASP A 105 -9.15 -4.68 24.81
N SER A 106 -7.97 -4.04 24.83
N SER A 106 -7.87 -4.92 25.06
CA SER A 106 -7.35 -2.99 25.63
CA SER A 106 -7.03 -3.97 25.78
C SER A 106 -7.16 -1.69 24.86
C SER A 106 -6.91 -2.62 25.06
N ILE A 107 -7.16 -1.76 23.53
N ILE A 107 -7.28 -2.59 23.79
CA ILE A 107 -7.03 -0.55 22.72
CA ILE A 107 -7.12 -1.39 22.97
C ILE A 107 -8.38 -0.21 22.12
C ILE A 107 -8.44 -0.95 22.35
N LYS A 108 -8.92 0.92 22.56
N LYS A 108 -8.96 0.18 22.84
CA LYS A 108 -10.22 1.39 22.12
CA LYS A 108 -10.26 0.69 22.42
C LYS A 108 -10.11 2.79 21.53
C LYS A 108 -10.17 2.11 21.85
N SER A 109 -8.91 3.36 21.64
N SER A 109 -9.00 2.71 21.89
CA SER A 109 -8.68 4.72 21.19
CA SER A 109 -8.81 4.07 21.40
C SER A 109 -7.19 4.98 21.12
C SER A 109 -7.34 4.43 21.26
N TRP A 110 -6.81 6.14 20.59
N TRP A 110 -7.07 5.64 20.77
CA TRP A 110 -5.42 6.54 20.54
CA TRP A 110 -5.71 6.15 20.66
C TRP A 110 -4.82 6.68 21.95
C TRP A 110 -5.07 6.27 22.05
N LYS A 111 -5.69 6.83 22.95
N LYS A 111 -5.89 6.61 23.03
CA LYS A 111 -5.25 7.05 24.33
CA LYS A 111 -5.39 6.84 24.39
C LYS A 111 -4.79 5.74 24.99
C LYS A 111 -4.89 5.55 25.02
N ASP A 112 -5.21 4.61 24.45
N ASP A 112 -5.34 4.41 24.50
CA ASP A 112 -4.89 3.30 25.03
CA ASP A 112 -4.92 3.12 25.02
C ASP A 112 -3.62 2.70 24.44
C ASP A 112 -3.56 2.69 24.46
N LEU A 113 -3.00 3.44 23.53
CA LEU A 113 -1.76 3.02 22.89
C LEU A 113 -0.54 3.48 23.69
N LYS A 114 -0.77 4.20 24.79
CA LYS A 114 0.33 4.63 25.64
C LYS A 114 1.09 3.42 26.19
N GLY A 115 2.42 3.44 26.03
CA GLY A 115 3.26 2.35 26.49
C GLY A 115 3.34 1.15 25.56
N LYS A 116 2.60 1.19 24.45
CA LYS A 116 2.54 0.08 23.51
C LYS A 116 3.62 0.21 22.43
N THR A 117 3.82 -0.88 21.68
CA THR A 117 4.71 -0.91 20.54
C THR A 117 3.88 -1.12 19.28
N LEU A 118 4.04 -0.20 18.32
CA LEU A 118 3.29 -0.21 17.07
C LEU A 118 4.21 -0.45 15.89
N GLY A 119 3.77 -1.29 14.96
CA GLY A 119 4.48 -1.52 13.73
C GLY A 119 4.06 -0.63 12.57
N ALA A 120 5.02 -0.37 11.68
CA ALA A 120 4.74 0.26 10.39
C ALA A 120 5.81 -0.19 9.40
N LYS A 121 5.46 -0.14 8.12
CA LYS A 121 6.40 -0.51 7.07
C LYS A 121 7.34 0.64 6.73
N ASN A 122 8.60 0.28 6.53
CA ASN A 122 9.64 1.21 6.17
C ASN A 122 9.21 2.13 5.02
N GLY A 123 9.35 3.44 5.24
CA GLY A 123 9.19 4.41 4.17
C GLY A 123 7.78 4.80 3.80
N THR A 124 6.79 4.27 4.53
CA THR A 124 5.40 4.47 4.16
C THR A 124 4.73 5.65 4.87
N ALA A 125 3.57 6.02 4.35
CA ALA A 125 2.72 7.01 4.99
C ALA A 125 2.35 6.60 6.43
N SER A 126 2.17 5.30 6.65
CA SER A 126 1.90 4.80 8.00
C SER A 126 3.07 5.07 8.93
N PHE A 127 4.28 4.77 8.46
CA PHE A 127 5.45 5.09 9.26
C PHE A 127 5.50 6.59 9.56
N ASP A 128 5.29 7.42 8.53
CA ASP A 128 5.39 8.86 8.74
C ASP A 128 4.40 9.32 9.81
N TYR A 129 3.16 8.84 9.74
CA TYR A 129 2.13 9.25 10.68
C TYR A 129 2.48 8.75 12.09
N LEU A 130 2.85 7.47 12.20
CA LEU A 130 3.16 6.94 13.52
C LEU A 130 4.37 7.62 14.14
N ASN A 131 5.42 7.82 13.36
CA ASN A 131 6.60 8.50 13.88
C ASN A 131 6.25 9.90 14.37
N ALA A 132 5.47 10.63 13.59
CA ALA A 132 5.12 11.99 13.94
C ALA A 132 4.24 12.09 15.19
N HIS A 133 3.49 11.03 15.51
CA HIS A 133 2.56 11.06 16.66
C HIS A 133 3.03 10.23 17.86
N ALA A 134 4.23 9.66 17.79
CA ALA A 134 4.68 8.74 18.83
C ALA A 134 4.79 9.41 20.20
N LYS A 135 5.37 10.60 20.26
CA LYS A 135 5.49 11.28 21.54
C LYS A 135 4.14 11.73 22.04
N GLU A 136 3.32 12.22 21.13
CA GLU A 136 1.98 12.70 21.47
CA GLU A 136 1.99 12.70 21.48
C GLU A 136 1.16 11.62 22.17
N TYR A 137 1.23 10.39 21.66
CA TYR A 137 0.42 9.30 22.20
C TYR A 137 1.19 8.32 23.09
N GLY A 138 2.51 8.51 23.23
CA GLY A 138 3.30 7.76 24.19
C GLY A 138 3.64 6.33 23.82
N TYR A 139 3.69 6.02 22.52
CA TYR A 139 4.07 4.67 22.09
C TYR A 139 5.45 4.66 21.43
N THR A 140 5.94 3.45 21.16
CA THR A 140 7.17 3.26 20.41
CA THR A 140 7.18 3.24 20.43
C THR A 140 6.84 2.59 19.09
N VAL A 141 7.71 2.79 18.10
CA VAL A 141 7.50 2.29 16.75
C VAL A 141 8.56 1.26 16.38
N LYS A 142 8.11 0.16 15.79
CA LYS A 142 9.00 -0.84 15.22
C LYS A 142 8.76 -0.86 13.71
N THR A 143 9.83 -0.74 12.93
CA THR A 143 9.72 -0.71 11.46
CA THR A 143 9.69 -0.73 11.47
C THR A 143 9.97 -2.09 10.85
N PHE A 144 9.24 -2.38 9.77
N PHE A 144 9.16 -2.40 9.86
CA PHE A 144 9.34 -3.64 9.02
CA PHE A 144 9.26 -3.68 9.20
C PHE A 144 9.54 -3.38 7.52
C PHE A 144 9.63 -3.41 7.77
N THR A 145 10.19 -4.31 6.81
N THR A 145 10.82 -3.89 7.42
CA THR A 145 10.37 -4.18 5.36
CA THR A 145 11.26 -3.89 6.04
C THR A 145 9.40 -5.04 4.53
C THR A 145 10.13 -4.46 5.19
N ASP A 146 8.66 -5.92 5.20
N ASP A 146 9.50 -5.52 5.68
CA ASP A 146 7.63 -6.72 4.53
CA ASP A 146 8.43 -6.20 4.93
C ASP A 146 6.44 -6.82 5.46
C ASP A 146 7.12 -6.27 5.69
N ALA A 147 5.26 -6.52 4.92
N ALA A 147 6.04 -6.10 4.93
CA ALA A 147 4.03 -6.60 5.67
CA ALA A 147 4.68 -6.24 5.46
C ALA A 147 3.80 -8.01 6.20
C ALA A 147 4.43 -7.61 6.10
N THR A 148 4.28 -9.03 5.50
N THR A 148 4.81 -8.69 5.43
CA THR A 148 4.15 -10.36 6.06
CA THR A 148 4.44 -10.05 5.87
C THR A 148 4.84 -10.43 7.43
C THR A 148 4.85 -10.33 7.31
N THR A 149 6.03 -9.84 7.59
CA THR A 149 6.71 -9.90 8.87
C THR A 149 6.00 -9.04 9.93
N MET A 150 5.52 -7.88 9.51
CA MET A 150 4.77 -7.00 10.39
C MET A 150 3.47 -7.66 10.87
N TYR A 151 2.72 -8.25 9.95
CA TYR A 151 1.48 -8.87 10.29
CA TYR A 151 1.45 -8.91 10.31
C TYR A 151 1.73 -10.13 11.17
N SER A 152 2.81 -10.87 10.89
CA SER A 152 3.15 -12.01 11.72
CA SER A 152 3.21 -12.01 11.70
C SER A 152 3.43 -11.56 13.15
N SER A 153 4.08 -10.41 13.27
CA SER A 153 4.43 -9.86 14.58
C SER A 153 3.19 -9.41 15.36
N LEU A 154 2.18 -8.89 14.68
CA LEU A 154 0.93 -8.57 15.36
C LEU A 154 0.26 -9.87 15.83
N ASN A 155 0.21 -10.88 14.95
CA ASN A 155 -0.39 -12.15 15.30
C ASN A 155 0.32 -12.86 16.44
N ASN A 156 1.64 -12.73 16.53
CA ASN A 156 2.40 -13.41 17.59
C ASN A 156 2.60 -12.56 18.85
N GLY A 157 2.08 -11.34 18.85
CA GLY A 157 2.07 -10.51 20.05
C GLY A 157 3.35 -9.72 20.31
N SER A 158 4.30 -9.75 19.38
CA SER A 158 5.53 -9.00 19.57
C SER A 158 5.37 -7.50 19.29
N ILE A 159 4.32 -7.13 18.56
CA ILE A 159 3.84 -5.75 18.54
C ILE A 159 2.38 -5.77 18.98
N ASN A 160 1.92 -4.64 19.53
CA ASN A 160 0.55 -4.55 20.03
C ASN A 160 -0.45 -4.05 19.00
N ALA A 161 0.05 -3.37 17.98
CA ALA A 161 -0.80 -2.78 16.95
C ALA A 161 0.10 -2.42 15.77
N LEU A 162 -0.53 -2.09 14.65
CA LEU A 162 0.21 -1.60 13.50
C LEU A 162 -0.65 -0.56 12.78
N MET A 163 -0.01 0.26 11.96
CA MET A 163 -0.75 1.13 11.04
C MET A 163 -0.47 0.68 9.61
N ASP A 164 -1.51 0.67 8.80
CA ASP A 164 -1.40 0.35 7.38
C ASP A 164 -2.57 1.04 6.68
N ASP A 165 -2.60 0.93 5.36
CA ASP A 165 -3.70 1.53 4.61
C ASP A 165 -5.01 0.78 4.86
N GLU A 166 -6.08 1.55 5.01
CA GLU A 166 -7.40 1.02 5.31
C GLU A 166 -7.85 -0.11 4.36
N PRO A 167 -7.74 0.06 3.02
CA PRO A 167 -8.24 -1.04 2.18
CA PRO A 167 -8.19 -1.01 2.11
C PRO A 167 -7.43 -2.33 2.32
N VAL A 168 -6.15 -2.21 2.69
CA VAL A 168 -5.30 -3.39 2.88
C VAL A 168 -5.68 -4.12 4.18
N ILE A 169 -5.95 -3.38 5.26
CA ILE A 169 -6.41 -3.99 6.50
CA ILE A 169 -6.42 -4.01 6.48
C ILE A 169 -7.81 -4.60 6.31
N LYS A 170 -8.71 -3.89 5.60
CA LYS A 170 -10.05 -4.42 5.32
CA LYS A 170 -10.04 -4.42 5.37
C LYS A 170 -9.96 -5.74 4.59
N TYR A 171 -9.11 -5.78 3.57
CA TYR A 171 -8.95 -6.97 2.77
C TYR A 171 -8.38 -8.12 3.62
N ALA A 172 -7.43 -7.81 4.49
CA ALA A 172 -6.83 -8.82 5.36
C ALA A 172 -7.88 -9.43 6.30
N ILE A 173 -8.73 -8.58 6.86
CA ILE A 173 -9.82 -9.08 7.70
C ILE A 173 -10.76 -9.97 6.87
N LYS A 174 -11.06 -9.56 5.63
CA LYS A 174 -11.88 -10.37 4.75
CA LYS A 174 -11.87 -10.37 4.73
C LYS A 174 -11.24 -11.75 4.48
N GLN A 175 -9.91 -11.80 4.41
CA GLN A 175 -9.23 -13.08 4.22
C GLN A 175 -9.26 -13.96 5.48
N GLY A 176 -9.55 -13.37 6.63
CA GLY A 176 -9.67 -14.10 7.87
C GLY A 176 -8.70 -13.72 8.98
N GLN A 177 -7.86 -12.71 8.75
CA GLN A 177 -6.95 -12.29 9.80
C GLN A 177 -7.72 -11.88 11.05
N LYS A 178 -7.22 -12.28 12.20
CA LYS A 178 -7.86 -11.93 13.48
C LYS A 178 -7.41 -10.55 13.95
N PHE A 179 -7.86 -9.54 13.21
CA PHE A 179 -7.54 -8.15 13.47
C PHE A 179 -8.81 -7.38 13.84
N ALA A 180 -8.62 -6.36 14.68
CA ALA A 180 -9.65 -5.38 15.04
C ALA A 180 -9.16 -4.01 14.61
N THR A 181 -10.10 -3.06 14.53
CA THR A 181 -9.83 -1.72 14.01
C THR A 181 -10.41 -0.69 14.98
N PRO A 182 -9.64 -0.34 16.03
CA PRO A 182 -10.15 0.48 17.14
C PRO A 182 -10.27 1.99 16.92
N ILE A 183 -9.73 2.54 15.85
CA ILE A 183 -9.73 3.99 15.66
C ILE A 183 -10.33 4.41 14.33
N LYS A 184 -10.73 5.67 14.26
CA LYS A 184 -11.32 6.22 13.05
C LYS A 184 -10.21 6.42 12.01
N PRO A 185 -10.39 5.90 10.79
CA PRO A 185 -9.32 6.08 9.82
C PRO A 185 -8.98 7.55 9.56
N ILE A 186 -7.70 7.79 9.26
CA ILE A 186 -7.16 9.11 9.00
C ILE A 186 -7.20 9.35 7.49
N PRO A 187 -7.90 10.40 7.02
CA PRO A 187 -7.93 10.65 5.56
C PRO A 187 -6.53 10.76 4.97
N ASP A 188 -6.28 10.08 3.84
CA ASP A 188 -4.95 10.08 3.26
C ASP A 188 -4.89 10.13 1.74
N GLY A 189 -5.93 10.69 1.11
CA GLY A 189 -5.84 11.03 -0.30
C GLY A 189 -5.94 9.86 -1.25
N GLN A 190 -5.12 9.91 -2.31
CA GLN A 190 -5.25 9.04 -3.47
C GLN A 190 -3.96 8.24 -3.72
N TYR A 191 -4.07 7.21 -4.54
CA TYR A 191 -2.92 6.46 -5.06
C TYR A 191 -2.58 6.94 -6.47
N GLY A 192 -1.29 6.91 -6.79
CA GLY A 192 -0.82 7.20 -8.14
C GLY A 192 0.34 6.30 -8.53
N PHE A 193 0.47 6.15 -9.85
CA PHE A 193 1.67 5.63 -10.50
C PHE A 193 2.73 6.72 -10.52
N ALA A 194 4.00 6.38 -10.32
CA ALA A 194 5.05 7.39 -10.23
C ALA A 194 6.29 7.03 -11.03
N VAL A 195 6.90 8.07 -11.59
CA VAL A 195 8.24 8.01 -12.17
C VAL A 195 9.12 9.02 -11.42
N LYS A 196 10.43 8.91 -11.55
CA LYS A 196 11.32 9.91 -10.99
C LYS A 196 11.03 11.24 -11.66
N LYS A 197 11.05 12.32 -10.90
CA LYS A 197 10.73 13.63 -11.44
C LYS A 197 11.60 13.94 -12.66
N GLY A 198 10.94 14.26 -13.77
CA GLY A 198 11.63 14.61 -15.00
C GLY A 198 11.97 13.43 -15.90
N SER A 199 11.78 12.21 -15.42
CA SER A 199 12.13 11.00 -16.16
CA SER A 199 12.14 11.03 -16.18
C SER A 199 10.93 10.38 -16.84
N ASN A 200 11.18 9.64 -17.91
CA ASN A 200 10.15 8.83 -18.55
C ASN A 200 8.78 9.49 -18.67
N PRO A 201 8.74 10.71 -19.21
CA PRO A 201 7.45 11.42 -19.28
C PRO A 201 6.40 10.66 -20.09
N GLU A 202 6.84 9.89 -21.07
CA GLU A 202 5.89 9.16 -21.89
C GLU A 202 5.16 8.06 -21.10
N LEU A 203 5.74 7.60 -19.99
CA LEU A 203 5.05 6.63 -19.12
CA LEU A 203 5.07 6.62 -19.14
C LEU A 203 3.92 7.27 -18.38
N ILE A 204 4.08 8.53 -17.98
CA ILE A 204 2.98 9.26 -17.36
C ILE A 204 1.88 9.52 -18.39
N GLU A 205 2.27 9.93 -19.60
CA GLU A 205 1.31 10.17 -20.66
C GLU A 205 0.51 8.90 -20.94
N MET A 206 1.17 7.79 -21.10
N MET A 206 1.24 7.76 -21.07
CA MET A 206 0.42 6.61 -21.44
CA MET A 206 0.65 6.40 -21.27
C MET A 206 -0.41 6.12 -20.21
C MET A 206 -0.37 6.12 -20.20
N PHE A 207 0.08 6.30 -18.98
CA PHE A 207 -0.73 5.95 -17.82
C PHE A 207 -2.03 6.75 -17.83
N ASN A 208 -1.92 8.05 -18.04
CA ASN A 208 -3.09 8.91 -17.97
C ASN A 208 -4.07 8.61 -19.08
N ASN A 209 -3.55 8.39 -20.29
CA ASN A 209 -4.42 8.06 -21.41
C ASN A 209 -5.11 6.72 -21.15
N GLY A 210 -4.33 5.72 -20.78
CA GLY A 210 -4.89 4.40 -20.55
C GLY A 210 -5.88 4.37 -19.41
N LEU A 211 -5.58 5.01 -18.29
CA LEU A 211 -6.51 5.02 -17.17
C LEU A 211 -7.83 5.67 -17.58
N ALA A 212 -7.78 6.81 -18.27
CA ALA A 212 -9.01 7.47 -18.68
C ALA A 212 -9.82 6.52 -19.56
N ASN A 213 -9.15 5.85 -20.49
CA ASN A 213 -9.84 4.93 -21.37
C ASN A 213 -10.50 3.77 -20.63
N LEU A 214 -9.78 3.21 -19.64
CA LEU A 214 -10.29 2.04 -18.92
C LEU A 214 -11.34 2.42 -17.87
N ARG A 215 -11.26 3.63 -17.31
CA ARG A 215 -12.37 4.09 -16.47
C ARG A 215 -13.63 4.19 -17.34
N ALA A 216 -13.49 4.70 -18.54
CA ALA A 216 -14.67 4.96 -19.38
C ALA A 216 -15.25 3.69 -19.99
N ASN A 217 -14.43 2.69 -20.29
CA ASN A 217 -14.91 1.50 -20.98
C ASN A 217 -15.24 0.34 -20.05
N GLY A 218 -15.17 0.59 -18.75
CA GLY A 218 -15.59 -0.39 -17.76
C GLY A 218 -14.51 -1.35 -17.29
N GLU A 219 -13.34 -1.36 -17.94
CA GLU A 219 -12.31 -2.31 -17.55
C GLU A 219 -11.75 -2.01 -16.17
N TYR A 220 -11.63 -0.74 -15.81
CA TYR A 220 -11.17 -0.37 -14.47
C TYR A 220 -12.07 -0.99 -13.41
N ASP A 221 -13.38 -0.81 -13.55
CA ASP A 221 -14.30 -1.33 -12.55
C ASP A 221 -14.29 -2.85 -12.49
N LYS A 222 -14.12 -3.50 -13.65
CA LYS A 222 -14.02 -4.96 -13.69
C LYS A 222 -12.80 -5.45 -12.92
N ILE A 223 -11.67 -4.77 -13.05
CA ILE A 223 -10.47 -5.14 -12.33
C ILE A 223 -10.68 -4.95 -10.82
N ILE A 224 -11.26 -3.83 -10.41
CA ILE A 224 -11.53 -3.63 -8.98
C ILE A 224 -12.45 -4.75 -8.47
N ASP A 225 -13.48 -5.08 -9.23
CA ASP A 225 -14.45 -6.10 -8.82
C ASP A 225 -13.83 -7.47 -8.63
N LYS A 226 -12.82 -7.77 -9.43
CA LYS A 226 -12.14 -9.05 -9.38
C LYS A 226 -11.58 -9.34 -7.99
N TYR A 227 -11.20 -8.29 -7.28
CA TYR A 227 -10.62 -8.41 -5.94
C TYR A 227 -11.56 -8.00 -4.82
N LEU A 228 -12.32 -6.94 -5.13
N LEU A 228 -12.40 -6.98 -5.02
CA LEU A 228 -13.19 -6.23 -4.19
CA LEU A 228 -13.14 -6.46 -3.86
C LEU A 228 -14.63 -6.18 -4.70
C LEU A 228 -14.58 -6.96 -3.69
N GLU A 229 -15.20 -7.37 -4.81
CA GLU A 229 -16.66 -7.56 -4.98
C GLU A 229 -17.65 -6.72 -4.14
N SER A 230 -18.78 -6.39 -4.75
CA SER A 230 -19.87 -5.75 -4.03
C SER A 230 -20.43 -6.71 -2.98
N ASP A 231 -20.88 -6.15 -1.87
CA ASP A 231 -21.52 -6.93 -0.80
C ASP A 231 -23.05 -6.79 -0.85
N ALA A 232 -23.55 -5.99 -1.78
CA ALA A 232 -24.98 -5.78 -1.94
C ALA A 232 -25.68 -7.03 -2.47
#